data_8P6S
#
_entry.id   8P6S
#
_cell.length_a   44.032
_cell.length_b   44.032
_cell.length_c   368.478
_cell.angle_alpha   90.00
_cell.angle_beta   90.00
_cell.angle_gamma   90.00
#
_symmetry.space_group_name_H-M   'P 41 21 2'
#
loop_
_entity.id
_entity.type
_entity.pdbx_description
1 polymer 'Digalactosyldiacylglycerol synthase 2, chloroplastic'
2 non-polymer "GALACTOSE-URIDINE-5'-DIPHOSPHATE"
3 water water
#
_entity_poly.entity_id   1
_entity_poly.type   'polypeptide(L)'
_entity_poly.pdbx_seq_one_letter_code
;MTNQQEQHIAIFTTASIPWLTGTAVNPLFRAAYLANDGERRVTLVIPWLTLKHQKLVYPNSITFSSPSEQEAYVRQWLEE
RVSFRLAFEIRFYPGKFAIDKRSILPVGDISDAIPDEEADIAVLEEPEHLTWFHHGQKWKTKFNYVIGIVHTNYLEYVKR
EKQGRVKAFFLKYLNSWVVGIYCHKVIRLSAATQEYPKSIVCNVHGVNPKFLEIGLRKLEQQKLQEQPFTKGAYYIGKMV
WSKGYKELLKLLEKHQKELAELEVDLYGDGEDSEEIKEAARKLDLTVNVYPGRDHADSLFHNYKVFLNPSTTDVVCTTTA
EALAMGKIVVCANHISNKFFKQFPNCRTYDDGQGFVRATLKALGEQPSQLTEQQRHELSWEAATQRFIKVSDLNRLSRAD
KLAAHHHHHHHH
;
_entity_poly.pdbx_strand_id   A
#
loop_
_chem_comp.id
_chem_comp.type
_chem_comp.name
_chem_comp.formula
GDU non-polymer GALACTOSE-URIDINE-5'-DIPHOSPHATE 'C15 H24 N2 O17 P2'
#
# COMPACT_ATOMS: atom_id res chain seq x y z
N GLN A 7 -5.57 19.63 -19.91
CA GLN A 7 -4.49 18.83 -19.26
C GLN A 7 -4.82 17.34 -19.05
N HIS A 8 -3.93 16.45 -19.49
CA HIS A 8 -4.22 15.04 -19.48
C HIS A 8 -3.11 14.29 -18.75
N ILE A 9 -3.51 13.56 -17.69
CA ILE A 9 -2.55 12.81 -16.90
C ILE A 9 -2.71 11.33 -17.17
N ALA A 10 -1.57 10.74 -17.58
CA ALA A 10 -1.53 9.32 -17.85
C ALA A 10 -0.72 8.67 -16.72
N ILE A 11 -1.39 7.76 -15.98
CA ILE A 11 -0.79 7.13 -14.83
C ILE A 11 -0.47 5.66 -15.13
N PHE A 12 0.80 5.32 -15.11
CA PHE A 12 1.26 4.06 -15.58
C PHE A 12 1.65 3.35 -14.30
N THR A 13 1.10 2.14 -14.08
CA THR A 13 1.53 1.40 -12.91
C THR A 13 1.79 -0.07 -13.23
N THR A 14 2.34 -0.77 -12.22
CA THR A 14 2.94 -2.10 -12.32
C THR A 14 2.00 -3.24 -11.84
N ALA A 15 0.79 -2.88 -11.38
CA ALA A 15 -0.14 -3.83 -10.81
C ALA A 15 -1.57 -3.28 -10.88
N SER A 16 -2.51 -4.20 -10.86
CA SER A 16 -3.92 -3.95 -10.94
C SER A 16 -4.60 -4.75 -9.85
N ILE A 17 -5.66 -4.16 -9.34
CA ILE A 17 -6.73 -4.92 -8.67
C ILE A 17 -7.15 -6.03 -9.63
N PRO A 18 -7.41 -7.29 -9.18
CA PRO A 18 -7.56 -7.62 -7.77
C PRO A 18 -6.31 -8.00 -6.98
N TRP A 19 -5.12 -7.83 -7.52
CA TRP A 19 -3.89 -7.98 -6.75
C TRP A 19 -3.81 -6.92 -5.66
N LEU A 20 -3.93 -7.35 -4.38
CA LEU A 20 -3.95 -6.39 -3.29
C LEU A 20 -2.52 -6.07 -2.81
N THR A 21 -1.94 -5.07 -3.50
CA THR A 21 -0.58 -4.58 -3.34
C THR A 21 -0.59 -3.06 -3.61
N GLY A 22 0.33 -2.33 -3.01
CA GLY A 22 0.35 -0.88 -3.01
C GLY A 22 0.35 -0.26 -4.40
N THR A 23 1.08 -0.81 -5.34
CA THR A 23 1.08 -0.26 -6.70
C THR A 23 -0.13 -0.63 -7.54
N ALA A 24 -1.01 -1.45 -6.99
CA ALA A 24 -2.34 -1.55 -7.55
C ALA A 24 -3.30 -0.57 -6.91
N VAL A 25 -3.37 -0.62 -5.58
CA VAL A 25 -4.42 0.08 -4.83
C VAL A 25 -4.14 1.60 -4.92
N ASN A 26 -2.89 2.07 -4.65
CA ASN A 26 -2.67 3.51 -4.55
C ASN A 26 -2.83 4.29 -5.86
N PRO A 27 -2.29 3.86 -7.02
CA PRO A 27 -2.48 4.54 -8.31
C PRO A 27 -3.92 4.56 -8.76
N LEU A 28 -4.68 3.55 -8.35
CA LEU A 28 -6.11 3.54 -8.66
C LEU A 28 -6.90 4.62 -7.93
N PHE A 29 -6.69 4.77 -6.61
CA PHE A 29 -7.28 5.86 -5.87
C PHE A 29 -6.76 7.23 -6.42
N ARG A 30 -5.47 7.31 -6.70
CA ARG A 30 -4.88 8.54 -7.16
C ARG A 30 -5.66 9.02 -8.39
N ALA A 31 -5.97 8.10 -9.29
CA ALA A 31 -6.60 8.40 -10.55
C ALA A 31 -8.00 8.86 -10.25
N ALA A 32 -8.70 8.13 -9.37
CA ALA A 32 -10.08 8.46 -9.03
C ALA A 32 -10.16 9.91 -8.54
N TYR A 33 -9.27 10.28 -7.62
CA TYR A 33 -9.37 11.58 -6.94
C TYR A 33 -8.75 12.69 -7.80
N LEU A 34 -7.69 12.41 -8.58
CA LEU A 34 -7.24 13.40 -9.55
C LEU A 34 -8.37 13.80 -10.51
N ALA A 35 -9.06 12.82 -11.10
CA ALA A 35 -10.03 13.04 -12.16
C ALA A 35 -11.30 13.70 -11.63
N ASN A 36 -11.50 13.65 -10.31
CA ASN A 36 -12.54 14.43 -9.66
C ASN A 36 -12.12 15.90 -9.55
N ASP A 37 -10.85 16.19 -9.20
CA ASP A 37 -10.30 17.55 -9.20
C ASP A 37 -10.87 18.45 -10.31
N GLY A 38 -11.30 17.94 -11.48
CA GLY A 38 -12.32 18.64 -12.26
C GLY A 38 -11.91 19.11 -13.66
N GLU A 39 -10.91 19.97 -13.78
CA GLU A 39 -10.53 20.47 -15.09
C GLU A 39 -9.35 19.65 -15.62
N ARG A 40 -9.45 18.31 -15.54
CA ARG A 40 -8.33 17.43 -15.84
C ARG A 40 -8.74 16.03 -16.29
N ARG A 41 -8.17 15.55 -17.39
CA ARG A 41 -8.46 14.22 -17.93
C ARG A 41 -7.45 13.21 -17.36
N VAL A 42 -7.96 12.09 -16.87
CA VAL A 42 -7.09 11.09 -16.29
C VAL A 42 -7.29 9.77 -16.99
N THR A 43 -6.17 9.15 -17.36
CA THR A 43 -6.10 7.79 -17.86
C THR A 43 -5.16 6.99 -16.96
N LEU A 44 -5.66 5.87 -16.44
CA LEU A 44 -4.89 4.90 -15.71
C LEU A 44 -4.50 3.72 -16.63
N VAL A 45 -3.19 3.37 -16.68
CA VAL A 45 -2.64 2.37 -17.58
C VAL A 45 -2.12 1.22 -16.71
N ILE A 46 -2.77 0.05 -16.83
CA ILE A 46 -2.60 -1.12 -15.95
C ILE A 46 -2.23 -2.38 -16.73
N PRO A 47 -1.49 -3.33 -16.08
CA PRO A 47 -1.09 -4.58 -16.77
C PRO A 47 -2.25 -5.56 -17.00
N TRP A 48 -2.33 -6.09 -18.22
CA TRP A 48 -3.15 -7.24 -18.60
C TRP A 48 -2.28 -8.50 -18.51
N LEU A 49 -2.59 -9.47 -17.61
CA LEU A 49 -1.86 -10.75 -17.57
C LEU A 49 -2.65 -11.85 -18.26
N THR A 50 -1.96 -12.79 -18.92
CA THR A 50 -2.64 -13.94 -19.43
C THR A 50 -3.15 -14.72 -18.23
N LEU A 51 -3.99 -15.73 -18.52
CA LEU A 51 -4.75 -16.32 -17.47
C LEU A 51 -3.86 -17.14 -16.55
N LYS A 52 -2.81 -17.73 -17.11
CA LYS A 52 -1.83 -18.49 -16.38
C LYS A 52 -1.16 -17.60 -15.34
N HIS A 53 -0.90 -16.32 -15.67
CA HIS A 53 -0.24 -15.48 -14.68
C HIS A 53 -1.24 -14.88 -13.75
N GLN A 54 -2.43 -14.65 -14.27
CA GLN A 54 -3.43 -14.09 -13.38
C GLN A 54 -3.61 -15.00 -12.17
N LYS A 55 -3.60 -16.35 -12.38
CA LYS A 55 -3.81 -17.27 -11.27
C LYS A 55 -2.73 -17.10 -10.22
N LEU A 56 -1.54 -16.61 -10.58
CA LEU A 56 -0.45 -16.47 -9.62
C LEU A 56 -0.70 -15.30 -8.68
N VAL A 57 -1.30 -14.19 -9.15
CA VAL A 57 -1.41 -13.03 -8.26
C VAL A 57 -2.85 -12.75 -7.87
N TYR A 58 -3.84 -13.20 -8.64
CA TYR A 58 -5.20 -12.88 -8.25
C TYR A 58 -5.66 -13.92 -7.24
N PRO A 59 -6.59 -13.61 -6.31
CA PRO A 59 -7.48 -14.66 -5.79
C PRO A 59 -8.10 -15.46 -6.94
N ASN A 60 -7.60 -16.67 -7.27
CA ASN A 60 -7.97 -17.36 -8.53
C ASN A 60 -9.47 -17.63 -8.54
N SER A 61 -10.10 -17.41 -7.38
CA SER A 61 -11.50 -17.04 -7.40
C SER A 61 -11.77 -16.10 -8.59
N ILE A 62 -10.81 -15.17 -8.85
CA ILE A 62 -10.97 -14.07 -9.79
C ILE A 62 -9.95 -14.22 -10.92
N THR A 63 -10.49 -14.37 -12.12
CA THR A 63 -9.72 -14.32 -13.35
C THR A 63 -10.64 -13.73 -14.41
N PHE A 64 -10.05 -13.17 -15.45
CA PHE A 64 -10.77 -12.45 -16.46
C PHE A 64 -10.36 -13.05 -17.77
N SER A 65 -11.33 -13.24 -18.66
CA SER A 65 -10.95 -13.74 -19.96
C SER A 65 -10.65 -12.59 -20.90
N SER A 66 -11.01 -11.36 -20.56
CA SER A 66 -10.56 -10.25 -21.39
C SER A 66 -10.26 -9.02 -20.53
N PRO A 67 -9.49 -8.10 -21.09
CA PRO A 67 -9.32 -6.78 -20.49
C PRO A 67 -10.62 -6.08 -20.13
N SER A 68 -11.62 -6.23 -21.00
CA SER A 68 -12.88 -5.52 -20.79
C SER A 68 -13.52 -6.05 -19.50
N GLU A 69 -13.36 -7.34 -19.24
CA GLU A 69 -13.89 -7.89 -18.02
C GLU A 69 -13.10 -7.29 -16.85
N GLN A 70 -11.78 -7.40 -16.92
CA GLN A 70 -11.02 -6.84 -15.82
C GLN A 70 -11.43 -5.42 -15.57
N GLU A 71 -11.61 -4.64 -16.64
CA GLU A 71 -11.98 -3.23 -16.47
C GLU A 71 -13.30 -3.06 -15.75
N ALA A 72 -14.36 -3.78 -16.16
CA ALA A 72 -15.61 -3.80 -15.42
C ALA A 72 -15.36 -4.18 -13.97
N TYR A 73 -14.46 -5.14 -13.71
CA TYR A 73 -14.29 -5.56 -12.33
C TYR A 73 -13.61 -4.45 -11.52
N VAL A 74 -12.59 -3.80 -12.11
CA VAL A 74 -11.86 -2.75 -11.39
C VAL A 74 -12.78 -1.54 -11.15
N ARG A 75 -13.67 -1.20 -12.11
CA ARG A 75 -14.53 -0.06 -11.92
C ARG A 75 -15.54 -0.29 -10.81
N GLN A 76 -16.13 -1.49 -10.85
CA GLN A 76 -17.06 -1.97 -9.82
C GLN A 76 -16.40 -1.90 -8.43
N TRP A 77 -15.21 -2.47 -8.28
CA TRP A 77 -14.53 -2.50 -7.01
C TRP A 77 -14.32 -1.07 -6.46
N LEU A 78 -13.87 -0.16 -7.31
CA LEU A 78 -13.61 1.19 -6.86
C LEU A 78 -14.91 1.98 -6.63
N GLU A 79 -15.93 1.77 -7.45
CA GLU A 79 -17.22 2.45 -7.26
C GLU A 79 -17.88 2.04 -5.93
N GLU A 80 -17.66 0.82 -5.55
CA GLU A 80 -18.13 0.33 -4.28
C GLU A 80 -17.48 1.09 -3.12
N ARG A 81 -16.31 1.70 -3.35
CA ARG A 81 -15.52 2.21 -2.25
C ARG A 81 -15.53 3.74 -2.16
N VAL A 82 -15.66 4.46 -3.26
CA VAL A 82 -15.74 5.90 -3.27
C VAL A 82 -17.19 6.39 -3.41
N SER A 83 -17.41 7.67 -3.09
CA SER A 83 -18.76 8.22 -3.02
C SER A 83 -19.27 8.67 -4.35
N PHE A 84 -18.34 8.91 -5.25
CA PHE A 84 -18.70 9.63 -6.45
C PHE A 84 -18.68 8.63 -7.61
N ARG A 85 -19.16 9.12 -8.75
CA ARG A 85 -18.98 8.46 -10.04
C ARG A 85 -17.56 8.62 -10.61
N LEU A 86 -16.96 7.52 -11.06
CA LEU A 86 -15.61 7.61 -11.57
C LEU A 86 -15.62 8.43 -12.83
N ALA A 87 -14.50 9.10 -13.10
CA ALA A 87 -14.48 9.90 -14.29
C ALA A 87 -13.10 9.86 -14.93
N PHE A 88 -12.45 8.70 -14.92
CA PHE A 88 -11.22 8.52 -15.68
C PHE A 88 -11.34 7.30 -16.58
N GLU A 89 -10.41 7.21 -17.52
CA GLU A 89 -10.35 6.10 -18.44
C GLU A 89 -9.32 5.08 -17.94
N ILE A 90 -9.51 3.83 -18.39
CA ILE A 90 -8.63 2.74 -18.05
C ILE A 90 -8.12 2.15 -19.35
N ARG A 91 -6.79 1.97 -19.45
CA ARG A 91 -6.19 1.25 -20.57
C ARG A 91 -5.20 0.21 -20.03
N PHE A 92 -4.85 -0.75 -20.89
CA PHE A 92 -4.05 -1.89 -20.52
C PHE A 92 -2.75 -1.92 -21.35
N TYR A 93 -1.67 -2.42 -20.78
CA TYR A 93 -0.54 -2.84 -21.59
C TYR A 93 -0.35 -4.32 -21.30
N PRO A 94 0.23 -5.13 -22.23
CA PRO A 94 0.46 -6.54 -21.96
C PRO A 94 1.62 -6.68 -20.97
N GLY A 95 1.43 -7.55 -19.98
CA GLY A 95 2.49 -7.81 -19.03
C GLY A 95 2.72 -9.31 -18.82
N LYS A 96 3.80 -9.62 -18.14
CA LYS A 96 4.21 -10.98 -17.90
C LYS A 96 4.71 -11.00 -16.46
N PHE A 97 4.17 -11.91 -15.63
CA PHE A 97 4.64 -12.02 -14.27
C PHE A 97 5.91 -12.84 -14.32
N ALA A 98 7.05 -12.23 -13.95
CA ALA A 98 8.32 -12.92 -13.70
C ALA A 98 8.34 -13.33 -12.24
N ILE A 99 8.37 -14.62 -11.96
CA ILE A 99 8.10 -15.11 -10.61
C ILE A 99 9.29 -14.76 -9.71
N ASP A 100 10.51 -14.86 -10.28
CA ASP A 100 11.77 -14.52 -9.60
C ASP A 100 11.89 -13.03 -9.29
N LYS A 101 11.21 -12.15 -10.05
CA LYS A 101 11.16 -10.76 -9.67
C LYS A 101 9.99 -10.50 -8.72
N ARG A 102 9.07 -11.46 -8.57
CA ARG A 102 7.85 -11.24 -7.79
C ARG A 102 7.07 -10.09 -8.40
N SER A 103 7.13 -9.97 -9.72
CA SER A 103 6.81 -8.69 -10.32
C SER A 103 6.31 -8.83 -11.77
N ILE A 104 5.46 -7.85 -12.16
CA ILE A 104 4.93 -7.77 -13.51
C ILE A 104 5.84 -6.94 -14.42
N LEU A 105 6.38 -7.58 -15.44
CA LEU A 105 7.20 -6.89 -16.43
C LEU A 105 6.39 -6.48 -17.65
N PRO A 106 6.52 -5.23 -18.18
CA PRO A 106 5.81 -4.80 -19.38
C PRO A 106 6.29 -5.59 -20.59
N VAL A 107 5.52 -5.66 -21.69
CA VAL A 107 5.98 -6.35 -22.89
C VAL A 107 6.21 -5.35 -24.02
N GLY A 108 5.23 -4.50 -24.34
CA GLY A 108 5.49 -3.55 -25.42
C GLY A 108 6.30 -2.33 -24.96
N ASP A 109 6.32 -1.26 -25.76
CA ASP A 109 6.52 0.08 -25.23
C ASP A 109 5.18 0.40 -24.58
N ILE A 110 5.14 0.54 -23.24
CA ILE A 110 3.88 0.85 -22.59
C ILE A 110 3.38 2.22 -23.00
N SER A 111 4.28 3.10 -23.44
CA SER A 111 3.96 4.44 -23.87
C SER A 111 2.85 4.35 -24.92
N ASP A 112 2.97 3.28 -25.76
CA ASP A 112 2.01 2.97 -26.82
C ASP A 112 0.54 3.05 -26.39
N ALA A 113 0.19 2.78 -25.11
CA ALA A 113 -1.22 2.75 -24.70
C ALA A 113 -1.88 4.12 -24.90
N ILE A 114 -1.04 5.14 -25.06
CA ILE A 114 -1.49 6.52 -25.12
C ILE A 114 -1.07 7.06 -26.49
N PRO A 115 -2.02 7.41 -27.39
CA PRO A 115 -1.66 7.98 -28.68
C PRO A 115 -0.76 9.17 -28.46
N ASP A 116 0.03 9.52 -29.48
CA ASP A 116 0.89 10.69 -29.42
C ASP A 116 -0.01 11.92 -29.28
N GLU A 117 -1.18 11.87 -29.93
CA GLU A 117 -2.02 13.03 -30.15
C GLU A 117 -2.67 13.49 -28.84
N GLU A 118 -2.72 12.61 -27.81
CA GLU A 118 -3.37 12.96 -26.55
C GLU A 118 -2.33 13.02 -25.40
N ALA A 119 -1.08 12.64 -25.70
CA ALA A 119 -0.05 12.58 -24.68
C ALA A 119 0.17 13.99 -24.09
N ASP A 120 0.22 14.13 -22.77
CA ASP A 120 0.59 15.40 -22.16
C ASP A 120 1.50 15.05 -20.96
N ILE A 121 0.93 14.67 -19.80
CA ILE A 121 1.71 14.41 -18.60
C ILE A 121 1.70 12.93 -18.32
N ALA A 122 2.85 12.39 -17.90
CA ALA A 122 2.98 10.97 -17.62
C ALA A 122 3.41 10.79 -16.17
N VAL A 123 2.60 10.00 -15.43
CA VAL A 123 2.98 9.57 -14.09
C VAL A 123 3.37 8.10 -14.12
N LEU A 124 4.64 7.84 -13.77
CA LEU A 124 5.18 6.52 -13.65
C LEU A 124 5.26 6.10 -12.19
N GLU A 125 4.29 5.30 -11.77
CA GLU A 125 4.36 4.59 -10.51
C GLU A 125 5.40 3.49 -10.67
N GLU A 126 6.44 3.55 -9.81
CA GLU A 126 7.60 2.70 -9.88
C GLU A 126 8.43 3.02 -11.11
N PRO A 127 8.90 4.28 -11.28
CA PRO A 127 9.62 4.68 -12.48
C PRO A 127 10.76 3.69 -12.71
N GLU A 128 11.35 3.12 -11.65
CA GLU A 128 12.51 2.25 -11.81
C GLU A 128 12.24 1.14 -12.85
N HIS A 129 11.15 0.36 -12.71
CA HIS A 129 10.85 -0.71 -13.66
C HIS A 129 10.25 -0.11 -14.93
N LEU A 130 9.24 0.75 -14.74
CA LEU A 130 8.53 1.27 -15.87
C LEU A 130 9.46 2.00 -16.87
N THR A 131 10.67 2.44 -16.46
CA THR A 131 11.67 3.03 -17.36
C THR A 131 12.70 1.99 -17.82
N TRP A 132 12.40 0.70 -17.59
CA TRP A 132 13.38 -0.38 -17.65
C TRP A 132 14.79 0.18 -17.54
N LYS A 138 11.66 7.13 -25.33
CA LYS A 138 10.24 7.38 -25.70
C LYS A 138 9.68 8.46 -24.76
N TRP A 139 10.02 8.39 -23.46
CA TRP A 139 9.35 9.13 -22.39
C TRP A 139 9.53 10.65 -22.46
N LYS A 140 10.75 11.18 -22.25
CA LYS A 140 10.95 12.62 -22.21
C LYS A 140 10.65 13.21 -23.59
N THR A 141 10.37 12.38 -24.60
CA THR A 141 10.16 12.83 -25.97
C THR A 141 8.72 12.63 -26.47
N LYS A 142 7.94 11.73 -25.86
CA LYS A 142 6.54 11.49 -26.23
C LYS A 142 5.57 12.32 -25.38
N PHE A 143 5.97 12.60 -24.13
CA PHE A 143 5.17 13.41 -23.23
C PHE A 143 5.92 14.69 -22.86
N ASN A 144 5.15 15.71 -22.50
CA ASN A 144 5.77 16.95 -22.11
C ASN A 144 6.41 16.75 -20.75
N TYR A 145 5.77 15.93 -19.89
CA TYR A 145 6.07 16.02 -18.48
C TYR A 145 5.78 14.73 -17.76
N VAL A 146 6.84 14.28 -17.12
CA VAL A 146 6.98 12.95 -16.63
C VAL A 146 7.33 13.05 -15.16
N ILE A 147 6.54 12.36 -14.34
CA ILE A 147 6.71 12.38 -12.90
C ILE A 147 6.81 10.94 -12.45
N GLY A 148 7.89 10.57 -11.77
CA GLY A 148 7.95 9.24 -11.20
C GLY A 148 7.57 9.28 -9.73
N ILE A 149 6.95 8.21 -9.24
CA ILE A 149 6.63 8.08 -7.83
C ILE A 149 7.25 6.79 -7.33
N VAL A 150 8.11 6.87 -6.33
CA VAL A 150 8.81 5.72 -5.81
C VAL A 150 8.02 5.12 -4.65
N HIS A 151 7.53 3.89 -4.91
CA HIS A 151 6.78 3.13 -3.92
C HIS A 151 7.59 2.10 -3.17
N THR A 152 8.77 1.78 -3.65
CA THR A 152 9.48 0.62 -3.15
C THR A 152 10.92 0.95 -2.90
N ASN A 153 11.45 0.16 -1.99
CA ASN A 153 12.80 0.22 -1.53
C ASN A 153 13.57 -0.92 -2.20
N TYR A 154 13.44 -0.99 -3.55
CA TYR A 154 14.08 -1.97 -4.44
C TYR A 154 15.33 -2.58 -3.77
N LEU A 155 16.30 -1.71 -3.41
CA LEU A 155 17.57 -2.07 -2.78
C LEU A 155 17.32 -3.02 -1.60
N GLU A 156 16.33 -2.66 -0.75
CA GLU A 156 16.11 -3.37 0.50
C GLU A 156 15.46 -4.73 0.25
N TYR A 157 14.82 -4.96 -0.91
CA TYR A 157 14.11 -6.21 -1.17
C TYR A 157 14.99 -7.19 -1.98
N VAL A 158 15.79 -6.71 -2.92
CA VAL A 158 16.71 -7.62 -3.61
C VAL A 158 17.87 -7.94 -2.66
N LYS A 159 18.33 -6.94 -1.88
CA LYS A 159 19.40 -7.23 -0.96
C LYS A 159 18.87 -8.17 0.15
N ARG A 160 17.59 -8.60 0.10
CA ARG A 160 17.03 -9.58 1.03
C ARG A 160 16.28 -10.73 0.35
N GLU A 161 16.85 -11.39 -0.66
CA GLU A 161 16.26 -12.60 -1.27
C GLU A 161 16.99 -13.86 -0.78
N LYS A 162 16.24 -14.86 -0.27
CA LYS A 162 16.84 -16.15 0.07
C LYS A 162 17.38 -16.79 -1.21
N PHE A 170 23.92 -2.35 -7.68
CA PHE A 170 22.99 -3.30 -8.34
C PHE A 170 21.99 -2.48 -9.13
N LEU A 171 20.72 -2.47 -8.69
CA LEU A 171 19.73 -1.56 -9.27
C LEU A 171 20.23 -0.13 -9.13
N LYS A 172 20.12 0.41 -7.90
CA LYS A 172 21.05 1.39 -7.36
C LYS A 172 21.31 2.51 -8.36
N TYR A 173 22.46 2.47 -9.04
CA TYR A 173 22.92 3.57 -9.87
C TYR A 173 22.13 3.62 -11.18
N LEU A 174 21.58 2.49 -11.61
CA LEU A 174 20.84 2.48 -12.86
C LEU A 174 19.50 3.20 -12.63
N ASN A 175 18.91 2.93 -11.45
CA ASN A 175 17.70 3.55 -10.95
C ASN A 175 17.83 5.08 -10.95
N SER A 176 18.94 5.57 -10.38
CA SER A 176 19.22 7.01 -10.38
C SER A 176 19.08 7.58 -11.78
N TRP A 177 19.95 7.13 -12.71
CA TRP A 177 20.02 7.76 -14.01
C TRP A 177 18.76 7.38 -14.80
N VAL A 178 18.28 6.13 -14.68
CA VAL A 178 17.12 5.73 -15.48
C VAL A 178 16.03 6.78 -15.29
N VAL A 179 15.72 6.98 -14.00
CA VAL A 179 14.70 7.91 -13.55
C VAL A 179 15.07 9.34 -14.03
N GLY A 180 16.31 9.75 -13.73
CA GLY A 180 16.84 11.05 -14.11
C GLY A 180 16.72 11.32 -15.63
N ILE A 181 17.02 10.33 -16.50
CA ILE A 181 16.87 10.48 -17.94
C ILE A 181 15.40 10.71 -18.33
N TYR A 182 14.46 10.07 -17.62
CA TYR A 182 13.08 10.05 -18.08
C TYR A 182 12.12 10.89 -17.24
N CYS A 183 12.48 11.27 -15.99
CA CYS A 183 11.51 11.94 -15.10
C CYS A 183 11.95 13.34 -14.70
N HIS A 184 11.04 14.31 -14.91
CA HIS A 184 11.37 15.72 -14.65
C HIS A 184 11.33 15.82 -13.13
N LYS A 185 10.39 15.12 -12.47
CA LYS A 185 10.27 15.17 -11.02
C LYS A 185 10.09 13.77 -10.44
N VAL A 186 10.66 13.59 -9.24
CA VAL A 186 10.56 12.33 -8.53
C VAL A 186 10.06 12.54 -7.10
N ILE A 187 8.89 11.95 -6.83
CA ILE A 187 8.26 11.92 -5.54
C ILE A 187 8.60 10.58 -4.90
N ARG A 188 9.34 10.68 -3.78
CA ARG A 188 9.61 9.56 -2.92
C ARG A 188 8.58 9.56 -1.77
N LEU A 189 7.91 8.44 -1.61
CA LEU A 189 6.78 8.34 -0.70
C LEU A 189 7.27 8.59 0.73
N SER A 190 8.52 8.22 1.04
CA SER A 190 9.17 8.58 2.31
C SER A 190 10.66 8.59 2.04
N ALA A 191 11.42 8.95 3.06
CA ALA A 191 12.87 8.96 3.05
C ALA A 191 13.50 7.59 3.29
N ALA A 192 12.72 6.50 3.36
CA ALA A 192 13.21 5.12 3.33
C ALA A 192 13.37 4.64 1.85
N THR A 193 14.10 5.43 1.07
CA THR A 193 14.26 5.18 -0.36
C THR A 193 15.66 5.59 -0.73
N GLN A 194 16.16 4.95 -1.81
CA GLN A 194 17.24 5.45 -2.65
C GLN A 194 17.13 6.97 -2.76
N GLU A 195 18.27 7.66 -2.76
CA GLU A 195 18.34 9.02 -3.26
C GLU A 195 18.04 8.98 -4.77
N TYR A 196 17.43 10.04 -5.29
CA TYR A 196 17.04 10.17 -6.69
C TYR A 196 17.24 11.62 -7.13
N PRO A 197 17.56 11.90 -8.42
CA PRO A 197 17.60 13.27 -8.94
C PRO A 197 16.19 13.83 -9.13
N LYS A 198 16.09 15.16 -9.07
CA LYS A 198 14.86 15.93 -9.05
C LYS A 198 13.83 15.33 -8.10
N SER A 199 14.22 15.10 -6.84
CA SER A 199 13.32 14.37 -5.97
C SER A 199 12.86 15.21 -4.79
N ILE A 200 11.68 14.85 -4.29
CA ILE A 200 11.01 15.44 -3.15
C ILE A 200 10.46 14.27 -2.35
N VAL A 201 10.61 14.33 -1.03
CA VAL A 201 9.89 13.40 -0.16
C VAL A 201 8.52 13.99 0.19
N CYS A 202 7.50 13.19 -0.04
CA CYS A 202 6.11 13.55 0.20
C CYS A 202 5.23 12.30 0.14
N ASN A 203 4.52 12.05 1.22
CA ASN A 203 3.58 10.97 1.22
C ASN A 203 2.35 11.41 0.47
N VAL A 204 2.27 11.05 -0.79
CA VAL A 204 1.16 11.49 -1.62
C VAL A 204 0.08 10.39 -1.72
N HIS A 205 0.00 9.49 -0.74
CA HIS A 205 -1.10 8.51 -0.63
C HIS A 205 -2.09 8.88 0.48
N GLY A 206 -3.35 8.55 0.32
CA GLY A 206 -4.25 8.45 1.46
C GLY A 206 -4.76 7.02 1.65
N VAL A 207 -5.98 6.90 2.19
CA VAL A 207 -6.62 5.62 2.49
C VAL A 207 -7.96 5.62 1.79
N ASN A 208 -8.32 4.47 1.25
CA ASN A 208 -9.66 4.17 0.83
C ASN A 208 -10.62 4.76 1.82
N PRO A 209 -11.62 5.54 1.34
CA PRO A 209 -12.52 6.25 2.27
C PRO A 209 -13.32 5.26 3.12
N LYS A 210 -13.46 3.98 2.70
CA LYS A 210 -14.11 3.00 3.54
C LYS A 210 -13.44 2.91 4.94
N PHE A 211 -12.13 3.02 5.03
CA PHE A 211 -11.45 2.91 6.32
C PHE A 211 -11.85 4.04 7.26
N LEU A 212 -11.93 5.25 6.73
CA LEU A 212 -12.36 6.40 7.53
C LEU A 212 -13.80 6.22 7.97
N GLU A 213 -14.67 5.70 7.09
CA GLU A 213 -16.03 5.42 7.44
C GLU A 213 -16.10 4.38 8.52
N ILE A 214 -15.24 3.39 8.51
CA ILE A 214 -15.25 2.34 9.53
C ILE A 214 -14.81 2.93 10.87
N GLY A 215 -13.82 3.83 10.85
CA GLY A 215 -13.42 4.54 12.08
C GLY A 215 -14.52 5.41 12.65
N LEU A 216 -15.36 6.07 11.83
CA LEU A 216 -16.40 6.89 12.34
C LEU A 216 -17.48 6.01 12.94
N ARG A 217 -17.60 4.78 12.43
CA ARG A 217 -18.61 3.87 12.92
C ARG A 217 -18.12 3.26 14.23
N LYS A 218 -16.83 3.01 14.34
CA LYS A 218 -16.33 2.50 15.61
C LYS A 218 -16.35 3.60 16.67
N LEU A 219 -16.19 4.90 16.24
CA LEU A 219 -16.29 5.97 17.23
C LEU A 219 -17.73 6.02 17.76
N GLU A 220 -18.73 5.90 16.86
CA GLU A 220 -20.12 6.05 17.26
C GLU A 220 -20.51 4.93 18.22
N GLN A 221 -20.03 3.69 17.95
CA GLN A 221 -20.16 2.57 18.88
C GLN A 221 -19.54 2.82 20.25
N GLN A 222 -18.35 3.40 20.26
CA GLN A 222 -17.70 3.74 21.50
C GLN A 222 -18.59 4.70 22.24
N LYS A 223 -19.08 5.71 21.54
CA LYS A 223 -20.00 6.66 22.23
C LYS A 223 -21.30 6.04 22.73
N LEU A 224 -21.77 5.01 21.99
CA LEU A 224 -23.00 4.31 22.37
C LEU A 224 -22.69 3.29 23.46
N GLN A 225 -21.39 3.13 23.77
CA GLN A 225 -20.90 1.97 24.50
C GLN A 225 -21.46 0.64 23.99
N GLU A 226 -21.51 0.42 22.66
CA GLU A 226 -21.45 -0.92 22.12
C GLU A 226 -20.04 -1.39 22.53
N GLN A 227 -19.62 -2.61 22.26
CA GLN A 227 -18.23 -2.94 22.60
C GLN A 227 -17.41 -2.83 21.34
N PRO A 228 -16.78 -1.70 21.00
CA PRO A 228 -16.21 -1.59 19.66
C PRO A 228 -15.14 -2.68 19.41
N PHE A 229 -14.51 -3.25 20.44
CA PHE A 229 -13.19 -3.84 20.19
C PHE A 229 -13.08 -5.19 20.85
N THR A 230 -12.48 -6.13 20.16
CA THR A 230 -11.92 -7.30 20.79
C THR A 230 -10.44 -7.04 21.10
N LYS A 231 -9.96 -7.71 22.13
CA LYS A 231 -8.65 -7.43 22.70
C LYS A 231 -7.63 -8.50 22.27
N GLY A 232 -7.51 -8.68 20.97
CA GLY A 232 -6.30 -9.20 20.37
C GLY A 232 -5.78 -8.28 19.25
N ALA A 233 -4.75 -8.81 18.60
CA ALA A 233 -3.97 -8.14 17.58
C ALA A 233 -3.95 -8.93 16.28
N TYR A 234 -3.57 -8.23 15.21
CA TYR A 234 -3.43 -8.76 13.88
C TYR A 234 -2.34 -8.02 13.11
N TYR A 235 -1.85 -8.72 12.08
CA TYR A 235 -1.02 -8.12 11.07
C TYR A 235 -1.61 -8.57 9.74
N ILE A 236 -1.53 -7.71 8.72
CA ILE A 236 -1.90 -8.16 7.40
C ILE A 236 -0.78 -7.78 6.44
N GLY A 237 -0.43 -8.68 5.56
CA GLY A 237 0.55 -8.36 4.54
C GLY A 237 1.00 -9.62 3.84
N LYS A 238 1.54 -9.46 2.64
CA LYS A 238 1.93 -10.65 1.86
C LYS A 238 2.92 -11.47 2.68
N MET A 239 2.76 -12.78 2.51
CA MET A 239 3.44 -13.74 3.35
C MET A 239 4.81 -14.01 2.76
N VAL A 240 5.65 -12.99 2.85
CA VAL A 240 7.07 -13.20 2.54
C VAL A 240 7.90 -12.68 3.72
N TRP A 241 8.97 -13.42 4.00
CA TRP A 241 9.68 -13.23 5.26
C TRP A 241 10.07 -11.77 5.46
N SER A 242 10.46 -11.13 4.37
CA SER A 242 11.04 -9.80 4.34
C SER A 242 9.99 -8.72 4.61
N LYS A 243 8.70 -9.08 4.57
CA LYS A 243 7.61 -8.14 4.82
C LYS A 243 7.26 -7.96 6.31
N GLY A 244 8.14 -8.17 7.24
CA GLY A 244 7.72 -7.93 8.62
C GLY A 244 7.59 -9.23 9.41
N TYR A 245 7.29 -10.34 8.70
CA TYR A 245 7.03 -11.59 9.35
C TYR A 245 8.23 -12.02 10.16
N LYS A 246 9.42 -11.95 9.56
CA LYS A 246 10.61 -12.43 10.24
C LYS A 246 10.80 -11.68 11.55
N GLU A 247 10.65 -10.37 11.52
CA GLU A 247 10.91 -9.57 12.71
C GLU A 247 9.81 -9.75 13.77
N LEU A 248 8.55 -9.91 13.34
CA LEU A 248 7.42 -10.14 14.23
C LEU A 248 7.57 -11.48 14.95
N LEU A 249 7.95 -12.51 14.18
CA LEU A 249 8.11 -13.82 14.80
C LEU A 249 9.26 -13.91 15.79
N LYS A 250 10.38 -13.21 15.55
CA LYS A 250 11.48 -13.16 16.49
C LYS A 250 11.11 -12.40 17.76
N LEU A 251 10.42 -11.26 17.59
CA LEU A 251 9.94 -10.49 18.74
C LEU A 251 9.01 -11.35 19.57
N LEU A 252 7.95 -11.94 18.95
CA LEU A 252 7.07 -12.91 19.60
C LEU A 252 7.87 -14.03 20.27
N GLU A 253 8.84 -14.60 19.58
CA GLU A 253 9.57 -15.70 20.16
C GLU A 253 10.44 -15.20 21.32
N LYS A 254 10.96 -13.97 21.24
CA LYS A 254 11.88 -13.57 22.32
C LYS A 254 11.11 -13.27 23.61
N HIS A 255 9.84 -12.89 23.50
CA HIS A 255 9.09 -12.30 24.60
C HIS A 255 7.80 -13.08 24.84
N GLN A 256 7.78 -14.34 24.34
CA GLN A 256 6.73 -15.33 24.55
C GLN A 256 6.15 -15.26 25.96
N LYS A 257 7.02 -15.31 26.94
CA LYS A 257 6.56 -15.39 28.30
C LYS A 257 5.79 -14.14 28.68
N GLU A 258 6.24 -12.96 28.26
CA GLU A 258 5.54 -11.74 28.67
C GLU A 258 4.26 -11.55 27.88
N LEU A 259 4.08 -12.25 26.76
CA LEU A 259 2.98 -12.00 25.82
C LEU A 259 2.06 -13.21 25.74
N ALA A 260 2.18 -14.09 26.76
CA ALA A 260 1.28 -15.22 27.05
C ALA A 260 -0.19 -14.90 26.79
N GLU A 261 -0.71 -13.77 27.28
CA GLU A 261 -2.08 -13.34 27.02
C GLU A 261 -2.32 -12.77 25.60
N LEU A 262 -1.34 -12.75 24.67
CA LEU A 262 -1.59 -12.04 23.42
C LEU A 262 -2.10 -13.06 22.40
N GLU A 263 -3.22 -12.78 21.71
CA GLU A 263 -3.57 -13.56 20.52
C GLU A 263 -3.28 -12.75 19.26
N VAL A 264 -2.56 -13.34 18.26
CA VAL A 264 -2.20 -12.64 17.04
C VAL A 264 -2.71 -13.41 15.82
N ASP A 265 -3.49 -12.75 14.98
CA ASP A 265 -3.90 -13.33 13.71
C ASP A 265 -3.13 -12.68 12.58
N LEU A 266 -2.54 -13.51 11.73
CA LEU A 266 -1.74 -13.05 10.60
C LEU A 266 -2.43 -13.42 9.30
N TYR A 267 -2.61 -12.44 8.40
CA TYR A 267 -3.37 -12.59 7.17
C TYR A 267 -2.50 -12.19 5.99
N GLY A 268 -2.50 -13.08 5.00
CA GLY A 268 -1.80 -12.87 3.77
C GLY A 268 -1.69 -14.14 2.93
N ASP A 269 -1.38 -13.91 1.65
CA ASP A 269 -0.87 -14.97 0.78
C ASP A 269 0.55 -14.68 0.35
N GLY A 270 1.35 -15.75 0.24
CA GLY A 270 2.56 -15.68 -0.54
C GLY A 270 3.42 -16.85 -0.24
N GLU A 271 4.64 -16.83 -0.80
CA GLU A 271 5.44 -18.04 -0.94
C GLU A 271 5.94 -18.59 0.40
N ASP A 272 5.92 -17.77 1.46
CA ASP A 272 6.53 -18.16 2.73
C ASP A 272 5.46 -18.58 3.75
N SER A 273 4.19 -18.66 3.32
CA SER A 273 3.07 -18.83 4.25
C SER A 273 3.19 -20.09 5.09
N GLU A 274 3.64 -21.18 4.47
CA GLU A 274 3.87 -22.43 5.16
C GLU A 274 5.07 -22.36 6.12
N GLU A 275 6.17 -21.70 5.76
CA GLU A 275 7.25 -21.53 6.74
C GLU A 275 6.82 -20.69 7.96
N ILE A 276 6.02 -19.64 7.74
CA ILE A 276 5.58 -18.71 8.76
C ILE A 276 4.63 -19.41 9.75
N LYS A 277 3.70 -20.18 9.19
CA LYS A 277 2.80 -21.05 9.93
C LYS A 277 3.59 -21.97 10.84
N GLU A 278 4.60 -22.63 10.24
CA GLU A 278 5.41 -23.56 10.98
C GLU A 278 6.08 -22.85 12.16
N ALA A 279 6.64 -21.67 11.91
CA ALA A 279 7.29 -20.93 12.99
C ALA A 279 6.28 -20.54 14.06
N ALA A 280 5.10 -20.11 13.61
CA ALA A 280 4.04 -19.70 14.53
C ALA A 280 3.68 -20.82 15.50
N ARG A 281 3.64 -22.07 15.06
CA ARG A 281 3.13 -23.07 15.98
C ARG A 281 4.25 -23.57 16.90
N LYS A 282 5.45 -23.05 16.78
CA LYS A 282 6.46 -23.41 17.77
C LYS A 282 6.48 -22.46 18.98
N LEU A 283 5.63 -21.39 19.00
CA LEU A 283 5.55 -20.39 20.05
C LEU A 283 4.55 -20.76 21.17
N ASP A 284 4.78 -20.27 22.40
CA ASP A 284 3.81 -20.54 23.46
C ASP A 284 2.74 -19.45 23.42
N LEU A 285 2.46 -18.90 22.22
CA LEU A 285 1.48 -17.84 22.00
C LEU A 285 0.51 -18.33 20.95
N THR A 286 -0.73 -17.95 21.07
CA THR A 286 -1.66 -18.22 19.99
C THR A 286 -1.41 -17.22 18.86
N VAL A 287 -0.65 -17.70 17.88
CA VAL A 287 -0.42 -16.92 16.69
C VAL A 287 -0.95 -17.75 15.56
N ASN A 288 -1.92 -17.27 14.82
CA ASN A 288 -2.49 -18.07 13.74
C ASN A 288 -2.25 -17.40 12.40
N VAL A 289 -2.20 -18.24 11.32
CA VAL A 289 -1.95 -17.73 9.99
C VAL A 289 -3.15 -17.99 9.09
N TYR A 290 -3.57 -17.04 8.35
CA TYR A 290 -4.73 -17.14 7.48
C TYR A 290 -4.47 -16.51 6.11
N PRO A 291 -5.28 -16.85 5.08
CA PRO A 291 -5.13 -16.25 3.76
C PRO A 291 -5.42 -14.76 3.75
N GLY A 292 -4.83 -14.14 2.74
CA GLY A 292 -5.00 -12.77 2.43
C GLY A 292 -6.47 -12.45 2.27
N ARG A 293 -6.82 -11.18 2.45
CA ARG A 293 -8.21 -10.80 2.40
C ARG A 293 -8.11 -9.28 2.35
N ASP A 294 -9.05 -8.68 1.71
CA ASP A 294 -9.14 -7.21 1.72
C ASP A 294 -9.28 -6.72 3.17
N HIS A 295 -8.43 -5.75 3.47
CA HIS A 295 -8.26 -5.14 4.77
C HIS A 295 -9.55 -4.45 5.18
N ALA A 296 -10.42 -4.07 4.22
CA ALA A 296 -11.66 -3.39 4.56
C ALA A 296 -12.78 -4.35 4.92
N ASP A 297 -12.57 -5.64 4.69
CA ASP A 297 -13.56 -6.62 5.09
C ASP A 297 -13.94 -6.48 6.58
N SER A 298 -15.19 -6.85 6.92
CA SER A 298 -15.79 -6.68 8.26
C SER A 298 -15.10 -7.48 9.35
N LEU A 299 -14.42 -8.55 8.95
CA LEU A 299 -13.66 -9.37 9.87
C LEU A 299 -12.55 -8.55 10.58
N PHE A 300 -12.03 -7.49 9.91
CA PHE A 300 -10.97 -6.69 10.50
C PHE A 300 -11.49 -5.64 11.48
N HIS A 301 -12.77 -5.30 11.38
CA HIS A 301 -13.35 -4.08 11.94
C HIS A 301 -13.18 -4.00 13.46
N ASN A 302 -13.07 -5.10 14.18
CA ASN A 302 -13.10 -5.06 15.64
C ASN A 302 -11.76 -5.36 16.30
N TYR A 303 -10.72 -5.66 15.56
CA TYR A 303 -9.41 -5.81 16.18
C TYR A 303 -9.01 -4.42 16.73
N LYS A 304 -8.47 -4.36 17.95
CA LYS A 304 -8.07 -3.11 18.57
C LYS A 304 -6.65 -2.73 18.19
N VAL A 305 -5.77 -3.73 18.06
CA VAL A 305 -4.37 -3.48 17.85
C VAL A 305 -3.91 -4.07 16.51
N PHE A 306 -3.26 -3.23 15.71
CA PHE A 306 -2.55 -3.69 14.53
C PHE A 306 -1.07 -3.64 14.80
N LEU A 307 -0.40 -4.74 14.61
CA LEU A 307 1.02 -4.81 14.91
C LEU A 307 1.74 -4.75 13.57
N ASN A 308 2.56 -3.71 13.33
CA ASN A 308 3.23 -3.67 12.05
C ASN A 308 4.71 -3.52 12.28
N PRO A 309 5.47 -4.59 12.21
CA PRO A 309 6.91 -4.45 12.35
C PRO A 309 7.73 -4.34 11.06
N SER A 310 7.14 -4.05 9.87
CA SER A 310 7.93 -3.90 8.64
C SER A 310 8.97 -2.78 8.81
N THR A 311 10.19 -2.97 8.29
CA THR A 311 11.24 -1.98 8.14
C THR A 311 11.67 -1.87 6.67
N THR A 312 10.89 -2.46 5.75
CA THR A 312 11.21 -2.56 4.33
C THR A 312 10.18 -1.83 3.46
N ASP A 313 9.08 -1.38 4.06
CA ASP A 313 8.12 -0.60 3.33
C ASP A 313 8.67 0.82 3.22
N VAL A 314 8.25 1.49 2.14
CA VAL A 314 8.48 2.91 1.98
C VAL A 314 7.41 3.62 2.79
N VAL A 315 6.14 3.41 2.45
CA VAL A 315 5.08 3.82 3.38
C VAL A 315 4.14 2.63 3.55
N CYS A 316 3.81 2.30 4.79
CA CYS A 316 2.91 1.17 5.00
C CYS A 316 1.48 1.66 4.85
N THR A 317 0.91 1.42 3.69
CA THR A 317 -0.48 1.75 3.49
C THR A 317 -1.41 1.12 4.55
N THR A 318 -1.11 -0.12 5.00
CA THR A 318 -1.92 -0.83 5.99
C THR A 318 -1.96 -0.09 7.35
N THR A 319 -0.83 0.49 7.77
CA THR A 319 -0.80 1.30 8.95
C THR A 319 -1.76 2.49 8.81
N ALA A 320 -1.76 3.18 7.66
CA ALA A 320 -2.64 4.31 7.43
C ALA A 320 -4.09 3.85 7.54
N GLU A 321 -4.33 2.65 7.01
CA GLU A 321 -5.65 2.11 6.96
C GLU A 321 -6.12 1.75 8.38
N ALA A 322 -5.22 1.12 9.15
CA ALA A 322 -5.55 0.75 10.52
C ALA A 322 -5.83 2.00 11.38
N LEU A 323 -5.03 3.05 11.20
CA LEU A 323 -5.26 4.26 11.98
C LEU A 323 -6.63 4.87 11.65
N ALA A 324 -6.93 4.88 10.33
CA ALA A 324 -8.18 5.42 9.84
C ALA A 324 -9.37 4.69 10.46
N MET A 325 -9.24 3.40 10.74
CA MET A 325 -10.26 2.54 11.30
C MET A 325 -10.41 2.78 12.82
N GLY A 326 -9.55 3.59 13.43
CA GLY A 326 -9.61 3.91 14.86
C GLY A 326 -8.76 2.97 15.72
N LYS A 327 -7.89 2.18 15.14
CA LYS A 327 -7.09 1.26 15.93
C LYS A 327 -5.82 1.92 16.44
N ILE A 328 -5.16 1.18 17.35
CA ILE A 328 -3.83 1.46 17.86
C ILE A 328 -2.88 0.63 17.02
N VAL A 329 -1.85 1.31 16.45
CA VAL A 329 -0.83 0.67 15.63
C VAL A 329 0.45 0.67 16.46
N VAL A 330 1.09 -0.50 16.56
CA VAL A 330 2.35 -0.64 17.22
C VAL A 330 3.31 -0.88 16.06
N CYS A 331 4.27 0.03 15.82
CA CYS A 331 5.14 -0.10 14.70
C CYS A 331 6.54 0.37 15.05
N ALA A 332 7.46 0.00 14.16
CA ALA A 332 8.87 0.29 14.38
C ALA A 332 9.19 1.78 14.26
N ASN A 333 10.06 2.22 15.14
CA ASN A 333 10.48 3.61 15.14
C ASN A 333 11.46 3.86 13.97
N HIS A 334 11.00 3.84 12.74
CA HIS A 334 11.84 3.82 11.55
C HIS A 334 11.38 4.96 10.62
N ILE A 335 12.25 5.36 9.72
CA ILE A 335 12.02 6.56 8.99
C ILE A 335 10.80 6.38 8.11
N SER A 336 10.46 5.15 7.66
CA SER A 336 9.27 5.02 6.83
C SER A 336 8.00 5.35 7.60
N ASN A 337 8.02 5.30 8.96
CA ASN A 337 6.80 5.56 9.74
C ASN A 337 6.73 7.01 10.24
N LYS A 338 7.62 7.86 9.71
CA LYS A 338 7.73 9.24 10.17
C LYS A 338 6.37 9.95 10.00
N PHE A 339 5.74 9.83 8.85
CA PHE A 339 4.40 10.39 8.69
C PHE A 339 3.39 9.95 9.78
N PHE A 340 3.44 8.72 10.29
CA PHE A 340 2.37 8.18 11.17
C PHE A 340 2.58 8.62 12.61
N LYS A 341 3.75 9.16 12.85
CA LYS A 341 4.08 9.49 14.23
C LYS A 341 3.32 10.71 14.71
N GLN A 342 2.77 11.46 13.77
CA GLN A 342 1.91 12.56 14.17
C GLN A 342 0.60 12.02 14.76
N PHE A 343 0.32 10.69 14.77
CA PHE A 343 -1.00 10.26 15.21
C PHE A 343 -0.82 9.69 16.61
N PRO A 344 -1.66 10.02 17.61
CA PRO A 344 -1.42 9.45 18.95
C PRO A 344 -1.65 7.96 19.13
N ASN A 345 -2.37 7.34 18.17
CA ASN A 345 -2.65 5.91 18.22
C ASN A 345 -1.53 5.14 17.55
N CYS A 346 -0.51 5.85 17.06
CA CYS A 346 0.68 5.21 16.51
C CYS A 346 1.73 5.12 17.62
N ARG A 347 2.12 3.92 18.05
CA ARG A 347 3.10 3.72 19.11
C ARG A 347 4.32 3.03 18.52
N THR A 348 5.43 3.77 18.54
CA THR A 348 6.68 3.33 17.93
C THR A 348 7.53 2.67 19.02
N TYR A 349 8.41 1.75 18.62
CA TYR A 349 9.34 1.12 19.54
C TYR A 349 10.71 1.05 18.87
N ASP A 350 11.75 1.30 19.66
CA ASP A 350 13.13 1.13 19.21
C ASP A 350 13.67 -0.29 19.46
N ASP A 351 13.01 -1.16 20.27
CA ASP A 351 13.57 -2.46 20.59
C ASP A 351 12.48 -3.45 21.02
N GLY A 352 12.88 -4.66 21.44
CA GLY A 352 11.99 -5.76 21.77
C GLY A 352 11.18 -5.42 23.00
N GLN A 353 11.84 -4.76 23.96
CA GLN A 353 11.20 -4.37 25.21
C GLN A 353 10.15 -3.29 24.94
N GLY A 354 10.52 -2.32 24.12
CA GLY A 354 9.62 -1.30 23.66
C GLY A 354 8.41 -1.91 22.96
N PHE A 355 8.61 -2.94 22.14
CA PHE A 355 7.50 -3.58 21.43
C PHE A 355 6.51 -4.19 22.42
N VAL A 356 7.02 -4.90 23.42
CA VAL A 356 6.18 -5.58 24.39
C VAL A 356 5.42 -4.58 25.26
N ARG A 357 6.14 -3.61 25.82
CA ARG A 357 5.52 -2.59 26.66
C ARG A 357 4.45 -1.86 25.85
N ALA A 358 4.72 -1.51 24.59
CA ALA A 358 3.78 -0.77 23.78
C ALA A 358 2.50 -1.58 23.46
N THR A 359 2.70 -2.88 23.23
CA THR A 359 1.66 -3.82 22.83
C THR A 359 0.77 -4.08 24.04
N LEU A 360 1.38 -4.41 25.20
CA LEU A 360 0.65 -4.62 26.44
C LEU A 360 -0.10 -3.35 26.81
N LYS A 361 0.51 -2.17 26.72
CA LYS A 361 -0.27 -1.00 27.07
C LYS A 361 -1.46 -0.87 26.12
N ALA A 362 -1.28 -1.07 24.80
CA ALA A 362 -2.36 -0.83 23.85
C ALA A 362 -3.56 -1.76 24.11
N LEU A 363 -3.29 -3.04 24.39
CA LEU A 363 -4.36 -4.01 24.62
C LEU A 363 -5.25 -3.57 25.78
N GLY A 364 -4.59 -2.98 26.78
CA GLY A 364 -5.26 -2.61 27.98
C GLY A 364 -6.12 -1.36 27.81
N GLU A 365 -5.94 -0.57 26.76
CA GLU A 365 -6.54 0.74 26.85
C GLU A 365 -7.48 1.00 25.67
N GLN A 366 -8.13 2.17 25.68
CA GLN A 366 -9.08 2.52 24.66
C GLN A 366 -8.32 3.29 23.60
N PRO A 367 -8.60 3.12 22.30
CA PRO A 367 -7.82 3.85 21.32
C PRO A 367 -8.27 5.27 21.58
N SER A 368 -7.44 6.25 21.26
CA SER A 368 -7.90 7.60 21.37
C SER A 368 -8.63 7.96 20.08
N GLN A 369 -9.39 9.04 20.05
CA GLN A 369 -10.26 9.41 18.93
C GLN A 369 -9.47 10.42 18.07
N LEU A 370 -9.79 10.50 16.77
CA LEU A 370 -8.93 11.17 15.80
C LEU A 370 -9.52 12.54 15.64
N THR A 371 -8.71 13.62 15.57
CA THR A 371 -9.32 14.89 15.24
C THR A 371 -9.83 14.83 13.81
N GLU A 372 -10.67 15.81 13.45
CA GLU A 372 -11.11 16.03 12.09
C GLU A 372 -9.89 16.36 11.23
N GLN A 373 -8.91 17.05 11.79
CA GLN A 373 -7.70 17.40 11.05
C GLN A 373 -6.87 16.14 10.75
N GLN A 374 -6.84 15.18 11.67
CA GLN A 374 -6.21 13.89 11.43
C GLN A 374 -6.90 13.09 10.33
N ARG A 375 -8.23 12.93 10.45
CA ARG A 375 -9.00 12.20 9.46
C ARG A 375 -8.72 12.82 8.10
N HIS A 376 -8.77 14.15 7.99
CA HIS A 376 -8.43 14.73 6.70
C HIS A 376 -7.03 14.35 6.17
N GLU A 377 -6.02 14.39 7.04
CA GLU A 377 -4.63 14.12 6.69
C GLU A 377 -4.44 12.70 6.19
N LEU A 378 -5.34 11.78 6.52
CA LEU A 378 -5.27 10.41 6.02
C LEU A 378 -6.06 10.24 4.73
N SER A 379 -6.78 11.26 4.28
CA SER A 379 -7.68 11.17 3.14
C SER A 379 -6.97 11.31 1.80
N TRP A 380 -7.60 10.71 0.79
CA TRP A 380 -7.24 10.92 -0.61
C TRP A 380 -7.47 12.34 -1.09
N GLU A 381 -8.48 13.08 -0.59
CA GLU A 381 -8.64 14.50 -0.91
C GLU A 381 -7.36 15.23 -0.50
N ALA A 382 -6.86 14.95 0.71
CA ALA A 382 -5.64 15.62 1.16
C ALA A 382 -4.45 15.16 0.33
N ALA A 383 -4.26 13.85 0.14
CA ALA A 383 -3.14 13.32 -0.65
C ALA A 383 -3.05 13.92 -2.06
N THR A 384 -4.22 14.12 -2.66
CA THR A 384 -4.28 14.67 -4.02
C THR A 384 -3.76 16.11 -4.03
N GLN A 385 -4.18 16.92 -3.03
CA GLN A 385 -3.69 18.30 -2.92
C GLN A 385 -2.16 18.28 -2.79
N ARG A 386 -1.60 17.34 -1.99
CA ARG A 386 -0.16 17.33 -1.79
C ARG A 386 0.50 16.97 -3.11
N PHE A 387 -0.10 15.98 -3.76
CA PHE A 387 0.39 15.48 -5.01
C PHE A 387 0.40 16.61 -6.03
N ILE A 388 -0.74 17.28 -6.20
CA ILE A 388 -0.90 18.36 -7.17
C ILE A 388 0.14 19.44 -6.93
N LYS A 389 0.51 19.61 -5.66
CA LYS A 389 1.41 20.65 -5.24
C LYS A 389 2.85 20.21 -5.45
N VAL A 390 3.24 19.01 -5.03
CA VAL A 390 4.67 18.64 -5.19
C VAL A 390 5.07 18.35 -6.64
N SER A 391 4.08 18.23 -7.53
CA SER A 391 4.36 17.79 -8.89
C SER A 391 4.16 18.97 -9.81
N ASP A 392 4.18 20.17 -9.23
CA ASP A 392 4.16 21.39 -10.03
C ASP A 392 3.02 21.34 -11.04
N LEU A 393 2.00 20.53 -10.80
CA LEU A 393 0.89 20.41 -11.72
C LEU A 393 -0.01 21.64 -11.64
N ASN A 394 0.19 22.51 -10.66
CA ASN A 394 -0.54 23.76 -10.61
C ASN A 394 -0.20 24.67 -11.80
N1 GDU B . -3.89 -5.54 1.12
C2 GDU B . -5.07 -6.17 1.45
N3 GDU B . -4.95 -7.49 1.78
C4 GDU B . -3.76 -8.20 1.84
C5 GDU B . -2.59 -7.48 1.48
C6 GDU B . -2.70 -6.20 1.16
O2 GDU B . -6.18 -5.62 1.44
O4 GDU B . -3.78 -9.37 2.19
C1D GDU B . -3.94 -4.10 0.68
C2D GDU B . -3.71 -3.13 1.84
O2D GDU B . -4.95 -3.00 2.52
C3D GDU B . -3.28 -1.87 1.06
C4D GDU B . -2.50 -2.44 -0.14
O4D GDU B . -2.94 -3.81 -0.28
O3D GDU B . -4.38 -1.20 0.51
C5D GDU B . -1.01 -2.38 0.03
O5D GDU B . -0.75 -3.40 0.96
PA GDU B . 0.80 -3.58 1.43
O1A GDU B . 1.40 -2.18 1.46
O2A GDU B . 0.77 -4.64 2.57
O3A GDU B . 1.15 -4.34 0.06
PB GDU B . 2.57 -4.07 -0.67
O1B GDU B . 3.64 -4.27 0.31
O2B GDU B . 2.44 -5.30 -1.53
O3B GDU B . 2.65 -2.57 -1.21
C1' GDU B . 3.79 -1.89 -1.95
C2' GDU B . 5.22 -2.06 -1.38
C3' GDU B . 5.42 -1.23 -0.02
C4' GDU B . 4.32 -0.14 0.26
C5' GDU B . 3.36 0.23 -0.95
C6' GDU B . 3.25 1.69 -1.40
O2' GDU B . 5.63 -3.43 -1.38
O3' GDU B . 6.77 -0.62 0.00
O4' GDU B . 4.96 1.05 0.71
O5' GDU B . 3.78 -0.47 -2.11
O6' GDU B . 2.34 1.85 -2.61
#